data_3P5S
#
_entry.id   3P5S
#
_cell.length_a   46.205
_cell.length_b   80.029
_cell.length_c   157.725
_cell.angle_alpha   90.00
_cell.angle_beta   90.00
_cell.angle_gamma   90.00
#
_symmetry.space_group_name_H-M   'P 21 21 21'
#
loop_
_entity.id
_entity.type
_entity.pdbx_description
1 polymer 'CD38 molecule'
2 non-polymer 2-acetamido-2-deoxy-beta-D-glucopyranose
3 non-polymer 'SULFATE ION'
4 non-polymer '[(2R,3S,4R,5R)-5-(6-amino-9H-purin-9-yl)-3,4-dihydroxytetrahydrofuran-2-yl]methyl [(2R,3R,4R)-4-fluoro-3-hydroxytetrahydrofuran-2-yl]methyl dihydrogen diphosphate'
5 water water
#
_entity_poly.entity_id   1
_entity_poly.type   'polypeptide(L)'
_entity_poly.pdbx_seq_one_letter_code
;MADCCTPRKKLCWCVLLFFLVAGITGGAIGIYKWHYSGLNRWHGAGSTADFQKIIQERCDTYTQTIRPGSRSRNCQAIRQ
AFMSAFISKDPCKATKEDYNSLINLAPPTVPCGQQVFWSKTKELAHEYAKRRRLMTLEDTLLGYLADGLRWCGEPGSSDL
NIWSCPDWRKDCRTNYLSVFWEVLSERFAESACNTVRVVLNGSLENAFDSMSIFGRVEAPNLRPQVELEAWLVHDTGKPP
SDSCSGSSIRKLKSILDGRNVKFRCMDNLSRDQFLQRS
;
_entity_poly.pdbx_strand_id   A,B
#
loop_
_chem_comp.id
_chem_comp.type
_chem_comp.name
_chem_comp.formula
AVU non-polymer '[(2R,3S,4R,5R)-5-(6-amino-9H-purin-9-yl)-3,4-dihydroxytetrahydrofuran-2-yl]methyl [(2R,3R,4R)-4-fluoro-3-hydroxytetrahydrofuran-2-yl]methyl dihydrogen diphosphate' 'C15 H22 F N5 O12 P2'
NAG D-saccharide, beta linking 2-acetamido-2-deoxy-beta-D-glucopyranose 'C8 H15 N O6'
SO4 non-polymer 'SULFATE ION' 'O4 S -2'
#
# COMPACT_ATOMS: atom_id res chain seq x y z
N ARG A 41 -28.59 21.69 1.75
CA ARG A 41 -27.54 22.62 1.39
C ARG A 41 -26.83 22.32 0.07
N TRP A 42 -26.48 21.05 -0.16
CA TRP A 42 -25.61 20.67 -1.28
C TRP A 42 -26.38 20.38 -2.56
N HIS A 43 -25.65 20.29 -3.67
CA HIS A 43 -26.26 19.95 -4.97
C HIS A 43 -26.32 18.45 -5.29
N GLY A 44 -25.59 17.62 -4.56
CA GLY A 44 -25.61 16.20 -4.83
C GLY A 44 -26.70 15.49 -4.03
N ALA A 45 -27.09 14.30 -4.48
CA ALA A 45 -28.04 13.51 -3.74
C ALA A 45 -27.54 13.24 -2.31
N GLY A 46 -28.47 13.05 -1.39
CA GLY A 46 -28.13 12.75 -0.02
C GLY A 46 -27.58 11.34 0.15
N SER A 47 -27.08 11.03 1.34
CA SER A 47 -26.51 9.73 1.68
C SER A 47 -27.51 8.62 1.48
N THR A 48 -27.02 7.43 1.08
CA THR A 48 -27.82 6.21 1.07
C THR A 48 -28.45 5.98 2.46
N ALA A 49 -29.76 5.80 2.50
CA ALA A 49 -30.46 5.50 3.75
C ALA A 49 -29.87 4.24 4.41
N ASP A 50 -29.69 4.28 5.73
CA ASP A 50 -29.20 3.11 6.48
C ASP A 50 -27.85 2.65 5.96
N PHE A 51 -27.02 3.64 5.60
CA PHE A 51 -25.68 3.38 5.12
C PHE A 51 -24.89 2.48 6.08
N GLN A 52 -24.95 2.71 7.39
CA GLN A 52 -24.09 1.89 8.24
C GLN A 52 -24.57 0.43 8.41
N LYS A 53 -25.87 0.20 8.31
CA LYS A 53 -26.37 -1.18 8.29
C LYS A 53 -25.91 -1.88 7.02
N ILE A 54 -26.03 -1.17 5.91
CA ILE A 54 -25.59 -1.71 4.62
C ILE A 54 -24.11 -2.08 4.67
N ILE A 55 -23.23 -1.13 4.99
CA ILE A 55 -21.82 -1.52 4.99
C ILE A 55 -21.52 -2.66 5.98
N GLN A 56 -22.26 -2.76 7.08
CA GLN A 56 -21.99 -3.89 7.98
C GLN A 56 -22.52 -5.22 7.43
N GLU A 57 -23.69 -5.18 6.84
CA GLU A 57 -24.26 -6.38 6.23
C GLU A 57 -23.39 -6.86 5.06
N ARG A 58 -22.95 -5.93 4.21
CA ARG A 58 -22.07 -6.30 3.10
C ARG A 58 -20.75 -6.85 3.61
N CYS A 59 -20.23 -6.26 4.68
CA CYS A 59 -19.00 -6.75 5.29
C CYS A 59 -19.16 -8.21 5.75
N ASP A 60 -20.24 -8.50 6.46
CA ASP A 60 -20.49 -9.89 6.87
C ASP A 60 -20.58 -10.83 5.68
N THR A 61 -21.37 -10.45 4.68
CA THR A 61 -21.52 -11.24 3.46
C THR A 61 -20.17 -11.45 2.74
N TYR A 62 -19.40 -10.40 2.57
CA TYR A 62 -18.11 -10.53 1.88
C TYR A 62 -17.10 -11.41 2.62
N THR A 63 -16.93 -11.19 3.92
CA THR A 63 -15.88 -11.86 4.66
C THR A 63 -16.23 -13.32 4.97
N GLN A 64 -17.54 -13.63 4.95
CA GLN A 64 -18.01 -14.98 5.27
C GLN A 64 -18.41 -15.81 4.06
N THR A 65 -19.00 -15.17 3.05
CA THR A 65 -19.57 -15.91 1.91
C THR A 65 -18.95 -15.63 0.53
N ILE A 66 -18.22 -14.52 0.41
CA ILE A 66 -17.69 -14.16 -0.92
C ILE A 66 -16.19 -14.39 -1.05
N ARG A 67 -15.44 -13.90 -0.07
CA ARG A 67 -14.02 -14.05 -0.04
C ARG A 67 -13.53 -14.31 1.39
N PRO A 68 -13.83 -15.50 1.92
CA PRO A 68 -13.30 -15.93 3.21
C PRO A 68 -12.01 -16.75 3.02
N GLY A 69 -11.45 -17.23 4.12
CA GLY A 69 -10.29 -18.10 4.07
C GLY A 69 -8.98 -17.56 4.62
N SER A 70 -8.79 -16.24 4.54
CA SER A 70 -7.48 -15.65 4.83
C SER A 70 -7.23 -15.41 6.32
N ARG A 71 -7.25 -14.14 6.70
CA ARG A 71 -7.29 -13.76 8.09
C ARG A 71 -8.69 -13.25 8.37
N SER A 72 -9.11 -13.28 9.61
CA SER A 72 -10.41 -12.77 9.97
C SER A 72 -10.36 -11.24 10.05
N ARG A 73 -11.46 -10.58 9.78
CA ARG A 73 -11.53 -9.15 9.96
C ARG A 73 -12.79 -8.82 10.73
N ASN A 74 -12.74 -7.88 11.67
CA ASN A 74 -13.96 -7.56 12.40
C ASN A 74 -14.79 -6.53 11.66
N CYS A 75 -16.01 -6.91 11.28
CA CYS A 75 -16.82 -6.05 10.41
C CYS A 75 -17.41 -4.90 11.20
N GLN A 76 -17.67 -5.14 12.48
CA GLN A 76 -18.11 -4.05 13.32
C GLN A 76 -17.06 -2.92 13.33
N ALA A 77 -15.79 -3.28 13.55
CA ALA A 77 -14.70 -2.31 13.59
C ALA A 77 -14.44 -1.67 12.25
N ILE A 78 -14.59 -2.42 11.17
CA ILE A 78 -14.52 -1.82 9.85
C ILE A 78 -15.62 -0.77 9.62
N ARG A 79 -16.85 -1.07 10.03
CA ARG A 79 -17.92 -0.08 9.91
C ARG A 79 -17.66 1.15 10.79
N GLN A 80 -17.22 0.90 12.02
CA GLN A 80 -16.90 2.01 12.91
C GLN A 80 -15.82 2.96 12.32
N ALA A 81 -14.75 2.39 11.77
CA ALA A 81 -13.68 3.18 11.18
C ALA A 81 -14.15 3.92 9.94
N PHE A 82 -14.98 3.25 9.14
CA PHE A 82 -15.52 3.87 7.92
C PHE A 82 -16.32 5.09 8.37
N MET A 83 -17.24 4.89 9.31
CA MET A 83 -18.05 6.00 9.81
C MET A 83 -17.22 7.14 10.44
N SER A 84 -16.21 6.77 11.19
CA SER A 84 -15.38 7.75 11.89
C SER A 84 -14.55 8.58 10.91
N ALA A 85 -14.27 8.03 9.74
CA ALA A 85 -13.49 8.76 8.76
C ALA A 85 -14.16 10.09 8.36
N PHE A 86 -15.48 10.11 8.25
CA PHE A 86 -16.14 11.29 7.70
C PHE A 86 -17.20 11.91 8.59
N ILE A 87 -17.70 11.13 9.55
CA ILE A 87 -18.85 11.58 10.33
C ILE A 87 -18.53 12.81 11.14
N SER A 88 -19.42 13.80 11.05
CA SER A 88 -19.32 15.00 11.87
C SER A 88 -18.12 15.90 11.50
N LYS A 89 -17.65 15.77 10.26
CA LYS A 89 -16.58 16.60 9.75
C LYS A 89 -17.11 17.51 8.64
N ASP A 90 -16.37 18.57 8.33
CA ASP A 90 -16.71 19.42 7.20
C ASP A 90 -16.69 18.53 5.96
N PRO A 91 -17.85 18.40 5.28
CA PRO A 91 -18.03 17.50 4.12
C PRO A 91 -17.23 17.91 2.88
N CYS A 92 -16.53 19.04 2.93
CA CYS A 92 -15.79 19.48 1.75
C CYS A 92 -14.34 19.65 2.10
N LYS A 93 -13.92 19.02 3.19
CA LYS A 93 -12.53 19.08 3.63
C LYS A 93 -11.92 17.71 3.76
N ALA A 94 -12.46 16.74 3.02
CA ALA A 94 -11.90 15.40 3.08
C ALA A 94 -10.46 15.40 2.57
N THR A 95 -9.60 14.65 3.25
CA THR A 95 -8.25 14.39 2.80
C THR A 95 -8.04 12.87 2.69
N LYS A 96 -7.06 12.49 1.88
CA LYS A 96 -6.69 11.09 1.73
C LYS A 96 -6.32 10.51 3.10
N GLU A 97 -5.71 11.32 3.95
CA GLU A 97 -5.27 10.86 5.28
C GLU A 97 -6.44 10.44 6.17
N ASP A 98 -7.63 10.98 5.93
CA ASP A 98 -8.81 10.62 6.75
C ASP A 98 -9.15 9.14 6.61
N TYR A 99 -8.67 8.52 5.53
CA TYR A 99 -9.01 7.11 5.26
C TYR A 99 -7.90 6.09 5.49
N ASN A 100 -6.72 6.52 5.96
CA ASN A 100 -5.58 5.58 6.07
C ASN A 100 -5.93 4.42 6.99
N SER A 101 -6.52 4.75 8.13
CA SER A 101 -6.84 3.72 9.11
C SER A 101 -7.85 2.73 8.59
N LEU A 102 -8.95 3.23 8.05
CA LEU A 102 -9.95 2.35 7.43
C LEU A 102 -9.27 1.43 6.42
N ILE A 103 -8.47 1.98 5.52
CA ILE A 103 -7.88 1.15 4.47
C ILE A 103 -6.94 0.09 5.08
N ASN A 104 -6.15 0.51 6.07
CA ASN A 104 -5.28 -0.41 6.79
C ASN A 104 -6.01 -1.64 7.38
N LEU A 105 -7.29 -1.50 7.70
CA LEU A 105 -8.05 -2.65 8.24
C LEU A 105 -8.39 -3.66 7.15
N ALA A 106 -8.36 -3.19 5.90
CA ALA A 106 -8.65 -4.06 4.76
C ALA A 106 -8.13 -3.48 3.46
N PRO A 107 -6.81 -3.60 3.19
CA PRO A 107 -6.30 -2.96 1.98
C PRO A 107 -6.95 -3.62 0.78
N PRO A 108 -7.21 -2.85 -0.30
CA PRO A 108 -7.78 -3.36 -1.55
C PRO A 108 -6.72 -4.10 -2.35
N THR A 109 -6.27 -5.24 -1.87
N THR A 109 -6.33 -5.25 -1.84
CA THR A 109 -5.22 -5.98 -2.61
CA THR A 109 -5.35 -6.10 -2.49
C THR A 109 -5.68 -7.36 -3.12
C THR A 109 -6.04 -7.18 -3.29
N VAL A 110 -5.46 -7.57 -4.42
CA VAL A 110 -6.01 -8.65 -5.19
C VAL A 110 -4.87 -9.61 -5.55
N PRO A 111 -5.13 -10.92 -5.58
CA PRO A 111 -4.06 -11.87 -5.89
C PRO A 111 -3.35 -11.61 -7.22
N CYS A 112 -2.05 -11.86 -7.26
CA CYS A 112 -1.28 -11.63 -8.47
C CYS A 112 -1.96 -12.24 -9.69
N GLY A 113 -2.02 -11.47 -10.76
CA GLY A 113 -2.58 -11.97 -12.00
C GLY A 113 -4.09 -11.97 -12.10
N GLN A 114 -4.79 -11.44 -11.08
CA GLN A 114 -6.26 -11.45 -11.12
C GLN A 114 -6.88 -10.06 -11.19
N GLN A 115 -6.05 -9.03 -11.24
CA GLN A 115 -6.52 -7.68 -11.05
C GLN A 115 -7.00 -7.05 -12.36
N VAL A 116 -8.15 -6.38 -12.27
CA VAL A 116 -8.74 -5.74 -13.44
C VAL A 116 -9.13 -4.28 -13.18
N PHE A 117 -8.61 -3.39 -14.02
CA PHE A 117 -8.99 -1.98 -14.00
C PHE A 117 -9.99 -1.71 -15.11
N TRP A 118 -10.70 -0.57 -15.01
CA TRP A 118 -11.61 -0.17 -16.06
C TRP A 118 -11.75 1.35 -16.06
N SER A 119 -12.26 1.89 -17.15
CA SER A 119 -12.49 3.32 -17.27
C SER A 119 -13.55 3.47 -18.34
N LYS A 120 -14.71 4.01 -17.96
CA LYS A 120 -15.85 4.16 -18.86
C LYS A 120 -16.45 2.83 -19.34
N THR A 121 -16.18 1.76 -18.59
CA THR A 121 -16.57 0.41 -18.97
C THR A 121 -16.94 -0.44 -17.76
N LYS A 122 -17.49 0.18 -16.72
CA LYS A 122 -17.71 -0.47 -15.43
C LYS A 122 -18.46 -1.80 -15.55
N GLU A 123 -19.61 -1.80 -16.20
CA GLU A 123 -20.45 -3.01 -16.24
C GLU A 123 -19.84 -4.09 -17.14
N LEU A 124 -19.30 -3.69 -18.29
CA LEU A 124 -18.57 -4.65 -19.10
C LEU A 124 -17.40 -5.27 -18.33
N ALA A 125 -16.65 -4.43 -17.63
CA ALA A 125 -15.48 -4.90 -16.89
C ALA A 125 -15.88 -5.90 -15.82
N HIS A 126 -16.96 -5.61 -15.11
CA HIS A 126 -17.44 -6.53 -14.09
C HIS A 126 -17.93 -7.88 -14.67
N GLU A 127 -18.63 -7.85 -15.79
CA GLU A 127 -19.03 -9.11 -16.44
C GLU A 127 -17.81 -9.93 -16.83
N TYR A 128 -16.85 -9.27 -17.45
CA TYR A 128 -15.61 -9.92 -17.87
C TYR A 128 -14.91 -10.51 -16.66
N ALA A 129 -14.82 -9.74 -15.58
CA ALA A 129 -14.12 -10.22 -14.39
C ALA A 129 -14.83 -11.43 -13.76
N LYS A 130 -16.15 -11.35 -13.66
CA LYS A 130 -16.97 -12.43 -13.12
C LYS A 130 -16.81 -13.71 -13.92
N ARG A 131 -16.92 -13.60 -15.24
CA ARG A 131 -16.72 -14.77 -16.12
C ARG A 131 -15.35 -15.40 -15.90
N ARG A 132 -14.30 -14.58 -15.89
CA ARG A 132 -12.95 -15.10 -15.81
C ARG A 132 -12.44 -15.26 -14.37
N ARG A 133 -13.30 -15.04 -13.38
CA ARG A 133 -12.85 -15.17 -11.99
C ARG A 133 -11.68 -14.25 -11.67
N LEU A 134 -11.81 -13.02 -12.12
CA LEU A 134 -10.83 -11.99 -11.83
C LEU A 134 -11.47 -11.02 -10.84
N MET A 135 -10.76 -9.96 -10.46
CA MET A 135 -11.35 -9.02 -9.49
C MET A 135 -11.13 -7.58 -9.92
N THR A 136 -12.19 -6.79 -9.86
CA THR A 136 -12.10 -5.36 -10.06
C THR A 136 -12.03 -4.73 -8.69
N LEU A 137 -11.85 -3.42 -8.64
CA LEU A 137 -11.89 -2.71 -7.36
C LEU A 137 -13.18 -3.01 -6.56
N GLU A 138 -14.28 -3.21 -7.29
CA GLU A 138 -15.57 -3.48 -6.64
C GLU A 138 -15.58 -4.86 -5.98
N ASP A 139 -14.56 -5.68 -6.26
CA ASP A 139 -14.51 -7.02 -5.70
C ASP A 139 -13.59 -7.12 -4.49
N THR A 140 -12.96 -6.00 -4.12
CA THR A 140 -12.21 -5.97 -2.88
C THR A 140 -13.22 -5.73 -1.75
N LEU A 141 -12.79 -6.01 -0.52
CA LEU A 141 -13.69 -5.82 0.62
C LEU A 141 -14.26 -4.41 0.65
N LEU A 142 -13.39 -3.40 0.63
CA LEU A 142 -13.87 -2.02 0.80
C LEU A 142 -14.63 -1.54 -0.43
N GLY A 143 -14.19 -1.92 -1.61
CA GLY A 143 -14.91 -1.52 -2.80
C GLY A 143 -16.32 -2.13 -2.80
N TYR A 144 -16.42 -3.36 -2.30
CA TYR A 144 -17.70 -4.07 -2.23
C TYR A 144 -18.65 -3.39 -1.25
N LEU A 145 -18.09 -2.99 -0.13
CA LEU A 145 -18.86 -2.23 0.84
C LEU A 145 -19.45 -0.98 0.18
N ALA A 146 -18.61 -0.22 -0.50
CA ALA A 146 -18.96 1.14 -0.91
C ALA A 146 -19.69 1.24 -2.23
N ASP A 147 -19.55 0.21 -3.06
CA ASP A 147 -20.10 0.19 -4.41
C ASP A 147 -21.52 0.73 -4.47
N GLY A 148 -21.71 1.80 -5.26
CA GLY A 148 -23.02 2.39 -5.53
C GLY A 148 -23.64 3.16 -4.38
N LEU A 149 -22.88 3.39 -3.32
CA LEU A 149 -23.43 4.09 -2.17
C LEU A 149 -23.02 5.56 -2.20
N ARG A 150 -23.73 6.39 -1.45
CA ARG A 150 -23.31 7.78 -1.28
C ARG A 150 -23.28 8.03 0.20
N TRP A 151 -22.38 8.87 0.64
CA TRP A 151 -22.40 9.26 2.03
C TRP A 151 -21.74 10.61 2.24
N CYS A 152 -22.22 11.32 3.26
CA CYS A 152 -21.55 12.48 3.78
C CYS A 152 -22.09 12.76 5.18
N GLY A 153 -21.33 13.50 5.96
CA GLY A 153 -21.76 13.88 7.28
C GLY A 153 -22.01 15.37 7.34
N GLU A 154 -21.97 15.91 8.55
CA GLU A 154 -22.30 17.30 8.80
C GLU A 154 -21.64 17.67 10.13
N PRO A 155 -21.02 18.85 10.18
CA PRO A 155 -20.29 19.22 11.40
C PRO A 155 -21.27 19.26 12.55
N GLY A 156 -20.86 18.75 13.70
CA GLY A 156 -21.71 18.76 14.88
C GLY A 156 -22.86 17.77 14.90
N SER A 157 -22.89 16.84 13.95
CA SER A 157 -23.87 15.78 13.99
C SER A 157 -23.22 14.40 13.87
N SER A 158 -23.73 13.44 14.63
CA SER A 158 -23.22 12.07 14.58
C SER A 158 -23.82 11.24 13.47
N ASP A 159 -24.66 11.86 12.65
CA ASP A 159 -25.42 11.15 11.61
C ASP A 159 -25.06 11.55 10.18
N LEU A 160 -25.46 10.70 9.23
CA LEU A 160 -25.29 11.00 7.83
C LEU A 160 -26.30 12.05 7.44
N ASN A 161 -25.92 12.87 6.47
CA ASN A 161 -26.84 13.76 5.80
C ASN A 161 -27.57 13.00 4.71
N ILE A 162 -28.85 12.70 4.94
CA ILE A 162 -29.62 11.91 3.98
C ILE A 162 -30.39 12.79 2.98
N TRP A 163 -30.32 14.11 3.17
CA TRP A 163 -31.00 15.06 2.28
C TRP A 163 -30.16 15.54 1.10
N SER A 164 -28.87 15.76 1.31
CA SER A 164 -27.99 16.18 0.20
C SER A 164 -26.53 15.98 0.55
N CYS A 165 -25.70 15.81 -0.46
CA CYS A 165 -24.26 15.67 -0.24
C CYS A 165 -23.52 16.51 -1.26
N PRO A 166 -22.27 16.86 -0.97
CA PRO A 166 -21.58 17.73 -1.93
C PRO A 166 -21.40 17.04 -3.27
N ASP A 167 -21.69 17.78 -4.34
CA ASP A 167 -21.42 17.36 -5.69
C ASP A 167 -19.98 17.69 -6.05
N TRP A 168 -19.32 16.76 -6.75
CA TRP A 168 -17.92 16.90 -7.08
C TRP A 168 -17.68 18.16 -7.90
N ARG A 169 -18.57 18.45 -8.84
CA ARG A 169 -18.33 19.58 -9.74
C ARG A 169 -18.88 20.89 -9.21
N LYS A 170 -20.03 20.84 -8.55
CA LYS A 170 -20.74 22.05 -8.13
C LYS A 170 -20.43 22.49 -6.73
N ASP A 171 -19.86 21.58 -5.94
CA ASP A 171 -19.58 21.91 -4.55
C ASP A 171 -18.10 21.90 -4.21
N CYS A 172 -17.47 20.73 -4.26
CA CYS A 172 -16.06 20.62 -3.92
C CYS A 172 -15.61 19.26 -4.34
N ARG A 173 -14.37 19.16 -4.80
CA ARG A 173 -13.81 17.85 -5.12
C ARG A 173 -13.38 17.13 -3.86
N THR A 174 -13.10 17.90 -2.82
CA THR A 174 -12.54 17.37 -1.58
C THR A 174 -13.68 16.91 -0.65
N ASN A 175 -14.50 16.02 -1.18
CA ASN A 175 -15.63 15.44 -0.45
C ASN A 175 -15.33 13.97 -0.14
N TYR A 176 -15.95 13.45 0.92
CA TYR A 176 -15.63 12.10 1.39
C TYR A 176 -15.90 10.99 0.38
N LEU A 177 -16.93 11.15 -0.44
CA LEU A 177 -17.21 10.15 -1.47
C LEU A 177 -16.08 10.06 -2.53
N SER A 178 -15.74 11.18 -3.14
CA SER A 178 -14.75 11.19 -4.21
C SER A 178 -13.36 10.82 -3.72
N VAL A 179 -13.02 11.30 -2.52
CA VAL A 179 -11.71 11.05 -1.92
C VAL A 179 -11.51 9.58 -1.53
N PHE A 180 -12.54 8.96 -0.99
CA PHE A 180 -12.49 7.52 -0.75
C PHE A 180 -12.09 6.79 -2.04
N TRP A 181 -12.79 7.07 -3.12
CA TRP A 181 -12.51 6.32 -4.35
C TRP A 181 -11.12 6.61 -4.89
N GLU A 182 -10.67 7.86 -4.82
CA GLU A 182 -9.30 8.14 -5.25
C GLU A 182 -8.24 7.45 -4.41
N VAL A 183 -8.39 7.46 -3.09
CA VAL A 183 -7.37 6.83 -2.26
C VAL A 183 -7.42 5.29 -2.33
N LEU A 184 -8.62 4.72 -2.37
CA LEU A 184 -8.74 3.29 -2.51
C LEU A 184 -8.11 2.82 -3.84
N SER A 185 -8.39 3.56 -4.90
CA SER A 185 -7.84 3.25 -6.23
C SER A 185 -6.33 3.34 -6.25
N GLU A 186 -5.80 4.37 -5.61
CA GLU A 186 -4.35 4.51 -5.51
C GLU A 186 -3.72 3.28 -4.86
N ARG A 187 -4.26 2.90 -3.70
CA ARG A 187 -3.78 1.72 -3.00
C ARG A 187 -3.99 0.44 -3.79
N PHE A 188 -5.13 0.34 -4.48
CA PHE A 188 -5.42 -0.74 -5.40
C PHE A 188 -4.30 -0.88 -6.44
N ALA A 189 -3.89 0.23 -7.03
CA ALA A 189 -2.91 0.20 -8.13
C ALA A 189 -1.53 -0.07 -7.59
N GLU A 190 -1.22 0.49 -6.41
CA GLU A 190 0.09 0.28 -5.81
C GLU A 190 0.35 -1.18 -5.44
N SER A 191 -0.71 -1.95 -5.18
CA SER A 191 -0.55 -3.32 -4.70
C SER A 191 -0.59 -4.36 -5.84
N ALA A 192 -0.97 -3.90 -7.02
CA ALA A 192 -1.06 -4.74 -8.23
C ALA A 192 0.20 -5.56 -8.46
N CYS A 193 0.05 -6.75 -9.01
CA CYS A 193 1.25 -7.54 -9.22
C CYS A 193 1.09 -8.60 -10.29
N ASN A 194 2.19 -8.81 -11.01
CA ASN A 194 2.25 -9.70 -12.17
C ASN A 194 1.40 -9.11 -13.31
N THR A 195 0.63 -9.94 -14.01
CA THR A 195 -0.17 -9.39 -15.09
C THR A 195 -1.45 -8.70 -14.54
N VAL A 196 -1.73 -7.50 -15.03
CA VAL A 196 -2.99 -6.84 -14.72
CA VAL A 196 -2.97 -6.81 -14.73
C VAL A 196 -3.66 -6.48 -16.04
N ARG A 197 -4.98 -6.39 -16.05
CA ARG A 197 -5.67 -6.07 -17.30
C ARG A 197 -6.51 -4.81 -17.11
N VAL A 198 -6.75 -4.07 -18.18
CA VAL A 198 -7.65 -2.93 -18.14
C VAL A 198 -8.61 -2.99 -19.31
N VAL A 199 -9.87 -2.68 -19.04
CA VAL A 199 -10.89 -2.67 -20.08
C VAL A 199 -11.24 -1.23 -20.32
N LEU A 200 -11.07 -0.80 -21.58
CA LEU A 200 -11.31 0.57 -21.93
C LEU A 200 -12.35 0.64 -23.04
N ASN A 201 -12.91 1.82 -23.23
CA ASN A 201 -14.01 2.04 -24.16
C ASN A 201 -13.54 2.55 -25.52
N GLY A 202 -13.54 1.66 -26.51
CA GLY A 202 -13.14 2.05 -27.85
C GLY A 202 -14.23 2.78 -28.62
N SER A 203 -15.34 3.05 -27.95
CA SER A 203 -16.44 3.81 -28.56
C SER A 203 -16.37 5.30 -28.23
N LEU A 204 -15.44 5.70 -27.35
CA LEU A 204 -15.20 7.10 -27.06
C LEU A 204 -14.03 7.60 -27.92
N GLU A 205 -13.91 8.91 -28.09
N GLU A 205 -13.90 8.91 -28.07
CA GLU A 205 -12.81 9.47 -28.87
CA GLU A 205 -12.84 9.47 -28.87
C GLU A 205 -11.50 9.11 -28.20
C GLU A 205 -11.48 9.23 -28.20
N ASN A 206 -11.46 9.28 -26.88
CA ASN A 206 -10.24 8.98 -26.12
C ASN A 206 -10.44 7.84 -25.12
N ALA A 207 -10.09 6.64 -25.52
CA ALA A 207 -10.29 5.51 -24.63
C ALA A 207 -9.48 5.70 -23.35
N PHE A 208 -8.36 6.41 -23.42
CA PHE A 208 -7.62 6.74 -22.20
C PHE A 208 -7.80 8.20 -21.83
N ASP A 209 -8.50 8.43 -20.73
CA ASP A 209 -8.80 9.78 -20.26
C ASP A 209 -7.81 10.12 -19.15
N SER A 210 -6.93 11.06 -19.40
CA SER A 210 -5.87 11.34 -18.45
C SER A 210 -6.41 12.08 -17.21
N MET A 211 -7.67 12.51 -17.24
CA MET A 211 -8.24 13.18 -16.08
C MET A 211 -9.19 12.24 -15.32
N SER A 212 -9.22 10.99 -15.76
CA SER A 212 -10.00 9.96 -15.08
C SER A 212 -9.24 9.41 -13.90
N ILE A 213 -9.90 8.63 -13.06
CA ILE A 213 -9.18 7.96 -11.98
C ILE A 213 -8.18 6.95 -12.55
N PHE A 214 -8.55 6.24 -13.60
CA PHE A 214 -7.57 5.34 -14.19
C PHE A 214 -6.36 6.10 -14.70
N GLY A 215 -6.62 7.22 -15.38
CA GLY A 215 -5.55 8.04 -15.95
C GLY A 215 -4.70 8.83 -14.97
N ARG A 216 -5.31 9.39 -13.94
CA ARG A 216 -4.63 10.31 -13.03
C ARG A 216 -4.09 9.60 -11.78
N VAL A 217 -4.80 8.58 -11.33
CA VAL A 217 -4.49 7.92 -10.08
C VAL A 217 -3.94 6.49 -10.24
N GLU A 218 -4.59 5.66 -11.05
CA GLU A 218 -4.17 4.25 -11.13
C GLU A 218 -2.95 3.98 -11.98
N ALA A 219 -3.01 4.33 -13.26
CA ALA A 219 -1.88 4.04 -14.12
C ALA A 219 -0.55 4.62 -13.58
N PRO A 220 -0.56 5.88 -13.07
CA PRO A 220 0.70 6.49 -12.62
C PRO A 220 1.20 5.92 -11.31
N ASN A 221 0.43 5.11 -10.60
CA ASN A 221 0.88 4.59 -9.32
C ASN A 221 1.02 3.07 -9.37
N LEU A 222 0.86 2.52 -10.56
CA LEU A 222 0.89 1.10 -10.77
C LEU A 222 2.26 0.59 -10.33
N ARG A 223 2.27 -0.43 -9.46
CA ARG A 223 3.54 -1.03 -9.03
C ARG A 223 4.42 -1.26 -10.24
N PRO A 224 5.71 -0.93 -10.12
CA PRO A 224 6.65 -1.08 -11.24
C PRO A 224 6.92 -2.56 -11.57
N GLN A 225 7.22 -2.81 -12.84
CA GLN A 225 7.47 -4.13 -13.39
C GLN A 225 6.27 -5.12 -13.44
N VAL A 226 5.06 -4.64 -13.16
CA VAL A 226 3.90 -5.46 -13.52
C VAL A 226 3.75 -5.35 -15.03
N GLU A 227 2.83 -6.10 -15.61
CA GLU A 227 2.58 -6.07 -17.05
C GLU A 227 1.11 -5.78 -17.23
N LEU A 228 0.79 -4.85 -18.12
CA LEU A 228 -0.59 -4.45 -18.36
C LEU A 228 -1.08 -4.82 -19.75
N GLU A 229 -2.24 -5.46 -19.79
CA GLU A 229 -2.91 -5.76 -21.05
C GLU A 229 -4.15 -4.88 -21.15
N ALA A 230 -4.26 -4.11 -22.21
CA ALA A 230 -5.42 -3.27 -22.40
C ALA A 230 -6.30 -3.84 -23.50
N TRP A 231 -7.61 -3.76 -23.29
CA TRP A 231 -8.58 -4.20 -24.28
C TRP A 231 -9.44 -3.01 -24.54
N LEU A 232 -9.46 -2.55 -25.79
CA LEU A 232 -10.32 -1.44 -26.18
C LEU A 232 -11.51 -2.02 -26.91
N VAL A 233 -12.68 -1.86 -26.30
CA VAL A 233 -13.86 -2.58 -26.70
C VAL A 233 -14.95 -1.59 -27.07
N HIS A 234 -15.59 -1.83 -28.21
CA HIS A 234 -16.56 -0.86 -28.75
C HIS A 234 -17.99 -1.38 -28.71
N ASP A 235 -18.95 -0.46 -28.72
CA ASP A 235 -20.38 -0.78 -28.66
C ASP A 235 -20.82 -1.66 -29.83
N THR A 236 -21.59 -2.71 -29.56
CA THR A 236 -22.13 -3.53 -30.64
C THR A 236 -22.90 -2.65 -31.60
N GLY A 237 -22.58 -2.77 -32.89
CA GLY A 237 -23.33 -2.06 -33.92
C GLY A 237 -22.83 -0.66 -34.21
N LYS A 238 -21.59 -0.38 -33.81
CA LYS A 238 -20.97 0.91 -34.07
C LYS A 238 -19.49 0.72 -34.33
N PRO A 239 -18.94 1.42 -35.34
CA PRO A 239 -17.48 1.46 -35.54
C PRO A 239 -16.76 2.14 -34.36
N PRO A 240 -15.54 1.68 -34.05
CA PRO A 240 -14.79 2.22 -32.92
C PRO A 240 -14.24 3.59 -33.23
N SER A 241 -14.33 4.50 -32.26
CA SER A 241 -13.75 5.84 -32.41
C SER A 241 -12.37 5.98 -31.77
N ASP A 242 -11.84 4.92 -31.17
CA ASP A 242 -10.47 4.97 -30.68
C ASP A 242 -9.77 3.61 -30.80
N SER A 243 -8.45 3.64 -30.91
CA SER A 243 -7.72 2.39 -31.09
C SER A 243 -6.42 2.42 -30.30
N CYS A 244 -5.67 1.33 -30.36
CA CYS A 244 -4.36 1.26 -29.71
C CYS A 244 -3.34 2.26 -30.28
N SER A 245 -3.55 2.66 -31.53
N SER A 245 -3.51 2.65 -31.54
CA SER A 245 -2.65 3.57 -32.24
CA SER A 245 -2.57 3.58 -32.17
C SER A 245 -3.01 5.03 -32.03
C SER A 245 -3.01 5.05 -32.03
N GLY A 246 -4.10 5.28 -31.31
CA GLY A 246 -4.59 6.63 -31.15
C GLY A 246 -3.77 7.41 -30.15
N SER A 247 -3.98 8.72 -30.15
CA SER A 247 -3.26 9.64 -29.29
C SER A 247 -3.37 9.28 -27.82
N SER A 248 -4.60 9.05 -27.33
CA SER A 248 -4.77 8.76 -25.91
C SER A 248 -4.01 7.51 -25.44
N ILE A 249 -4.03 6.46 -26.25
CA ILE A 249 -3.32 5.23 -25.85
C ILE A 249 -1.82 5.45 -25.86
N ARG A 250 -1.37 6.34 -26.72
CA ARG A 250 0.05 6.72 -26.71
C ARG A 250 0.44 7.38 -25.37
N LYS A 251 -0.43 8.22 -24.84
CA LYS A 251 -0.18 8.81 -23.52
C LYS A 251 -0.06 7.74 -22.44
N LEU A 252 -0.91 6.72 -22.53
CA LEU A 252 -0.86 5.64 -21.54
C LEU A 252 0.44 4.84 -21.68
N LYS A 253 0.85 4.53 -22.90
CA LYS A 253 2.12 3.83 -23.11
C LYS A 253 3.27 4.63 -22.49
N SER A 254 3.21 5.93 -22.66
CA SER A 254 4.22 6.82 -22.06
C SER A 254 4.28 6.68 -20.53
N ILE A 255 3.12 6.69 -19.90
CA ILE A 255 3.06 6.54 -18.45
C ILE A 255 3.64 5.19 -18.02
N LEU A 256 3.28 4.14 -18.75
CA LEU A 256 3.72 2.82 -18.37
C LEU A 256 5.21 2.62 -18.57
N ASP A 257 5.79 3.33 -19.53
CA ASP A 257 7.22 3.24 -19.77
C ASP A 257 7.96 3.73 -18.52
N GLY A 258 7.44 4.79 -17.93
CA GLY A 258 8.07 5.45 -16.79
C GLY A 258 7.99 4.62 -15.53
N ARG A 259 7.01 3.72 -15.47
CA ARG A 259 6.85 2.81 -14.36
C ARG A 259 7.54 1.48 -14.71
N ASN A 260 8.13 1.40 -15.90
CA ASN A 260 8.76 0.16 -16.29
C ASN A 260 7.71 -0.94 -16.23
N VAL A 261 6.56 -0.66 -16.84
N VAL A 261 6.55 -0.67 -16.82
CA VAL A 261 5.47 -1.62 -16.95
CA VAL A 261 5.52 -1.70 -16.92
C VAL A 261 5.31 -1.99 -18.42
C VAL A 261 5.24 -2.02 -18.38
N LYS A 262 5.45 -3.27 -18.74
CA LYS A 262 5.23 -3.73 -20.11
C LYS A 262 3.76 -3.62 -20.49
N PHE A 263 3.49 -3.25 -21.74
CA PHE A 263 2.15 -2.92 -22.21
C PHE A 263 1.82 -3.73 -23.45
N ARG A 264 0.68 -4.41 -23.44
CA ARG A 264 0.16 -5.04 -24.65
C ARG A 264 -1.24 -4.49 -24.85
N CYS A 265 -1.54 -4.07 -26.07
CA CYS A 265 -2.82 -3.46 -26.37
C CYS A 265 -3.54 -4.25 -27.44
N MET A 266 -4.83 -4.51 -27.19
N MET A 266 -4.83 -4.51 -27.19
CA MET A 266 -5.71 -5.15 -28.15
CA MET A 266 -5.69 -5.13 -28.19
C MET A 266 -6.91 -4.24 -28.41
C MET A 266 -6.90 -4.23 -28.42
N ASP A 267 -7.33 -4.13 -29.67
CA ASP A 267 -8.47 -3.29 -30.00
C ASP A 267 -9.36 -3.84 -31.12
N ASN A 268 -10.27 -2.99 -31.57
CA ASN A 268 -11.22 -3.36 -32.61
C ASN A 268 -11.97 -4.65 -32.30
N LEU A 269 -12.65 -4.63 -31.15
CA LEU A 269 -13.43 -5.77 -30.66
C LEU A 269 -14.73 -5.25 -30.15
N SER A 270 -15.81 -5.93 -30.53
CA SER A 270 -17.12 -5.63 -30.00
C SER A 270 -17.18 -6.20 -28.59
N ARG A 271 -18.08 -5.69 -27.78
CA ARG A 271 -18.33 -6.27 -26.49
C ARG A 271 -18.48 -7.80 -26.62
N ASP A 272 -19.26 -8.26 -27.60
CA ASP A 272 -19.47 -9.70 -27.82
C ASP A 272 -18.20 -10.45 -28.18
N GLN A 273 -17.41 -9.92 -29.11
CA GLN A 273 -16.16 -10.58 -29.50
C GLN A 273 -15.19 -10.61 -28.33
N PHE A 274 -15.23 -9.56 -27.53
CA PHE A 274 -14.29 -9.44 -26.42
C PHE A 274 -14.63 -10.45 -25.36
N LEU A 275 -15.91 -10.50 -24.99
CA LEU A 275 -16.38 -11.41 -23.94
C LEU A 275 -16.32 -12.86 -24.40
N GLN A 276 -16.96 -13.15 -25.53
N GLN A 276 -16.97 -13.14 -25.53
CA GLN A 276 -16.97 -14.52 -26.07
CA GLN A 276 -16.96 -14.48 -26.11
C GLN A 276 -15.54 -15.01 -26.34
C GLN A 276 -15.53 -14.99 -26.21
N ARG A 277 -14.59 -14.07 -26.41
CA ARG A 277 -13.19 -14.44 -26.62
C ARG A 277 -12.18 -13.30 -26.38
N SER A 278 -11.59 -13.26 -25.19
CA SER A 278 -10.52 -12.31 -24.93
C SER A 278 -9.22 -12.93 -25.43
N ARG B 41 14.90 13.80 30.70
CA ARG B 41 14.12 12.91 31.57
C ARG B 41 14.00 11.50 31.02
N TRP B 42 14.07 11.36 29.69
CA TRP B 42 13.91 10.06 29.04
C TRP B 42 15.16 9.17 29.15
N HIS B 43 14.99 7.88 28.87
CA HIS B 43 16.07 6.91 29.00
C HIS B 43 16.93 6.76 27.75
N GLY B 44 16.44 7.25 26.61
CA GLY B 44 17.14 7.08 25.35
C GLY B 44 17.90 8.30 24.89
N ALA B 45 18.91 8.08 24.03
CA ALA B 45 19.70 9.17 23.49
C ALA B 45 18.83 10.26 22.86
N GLY B 46 19.37 11.45 22.74
CA GLY B 46 18.61 12.57 22.22
C GLY B 46 18.42 12.50 20.71
N SER B 47 17.54 13.36 20.23
CA SER B 47 17.31 13.50 18.80
C SER B 47 18.63 13.73 18.09
N THR B 48 18.83 13.10 16.94
CA THR B 48 20.01 13.38 16.12
C THR B 48 20.15 14.88 15.81
N ALA B 49 21.35 15.42 16.01
CA ALA B 49 21.60 16.82 15.72
C ALA B 49 21.66 17.05 14.21
N ASP B 50 20.99 18.11 13.74
CA ASP B 50 20.92 18.38 12.31
C ASP B 50 19.97 17.40 11.60
N PHE B 51 19.02 16.85 12.34
CA PHE B 51 18.06 15.91 11.78
C PHE B 51 17.36 16.47 10.53
N GLN B 52 16.92 17.72 10.61
CA GLN B 52 16.17 18.31 9.50
C GLN B 52 17.04 18.40 8.26
N LYS B 53 18.30 18.79 8.44
CA LYS B 53 19.19 18.94 7.30
C LYS B 53 19.64 17.58 6.78
N ILE B 54 19.76 16.61 7.68
CA ILE B 54 20.09 15.27 7.24
C ILE B 54 18.93 14.71 6.40
N ILE B 55 17.72 14.85 6.90
CA ILE B 55 16.55 14.36 6.15
C ILE B 55 16.47 14.98 4.76
N GLN B 56 16.70 16.28 4.70
CA GLN B 56 16.63 17.00 3.44
C GLN B 56 17.72 16.54 2.48
N GLU B 57 18.94 16.38 3.00
CA GLU B 57 20.05 15.89 2.18
C GLU B 57 19.81 14.49 1.62
N ARG B 58 19.41 13.58 2.48
CA ARG B 58 19.13 12.22 2.03
C ARG B 58 17.99 12.17 1.04
N CYS B 59 16.96 12.99 1.26
CA CYS B 59 15.85 12.99 0.31
C CYS B 59 16.34 13.43 -1.09
N ASP B 60 17.13 14.50 -1.16
CA ASP B 60 17.71 14.88 -2.45
C ASP B 60 18.58 13.78 -3.09
N THR B 61 19.46 13.16 -2.32
CA THR B 61 20.33 12.09 -2.83
C THR B 61 19.50 10.91 -3.32
N TYR B 62 18.50 10.56 -2.53
CA TYR B 62 17.65 9.41 -2.86
C TYR B 62 16.86 9.66 -4.16
N THR B 63 16.13 10.78 -4.22
CA THR B 63 15.27 11.03 -5.38
C THR B 63 16.01 11.38 -6.67
N GLN B 64 17.24 11.90 -6.54
CA GLN B 64 17.97 12.37 -7.71
C GLN B 64 19.08 11.43 -8.13
N THR B 65 19.76 10.83 -7.16
CA THR B 65 20.93 10.01 -7.50
C THR B 65 20.72 8.49 -7.30
N ILE B 66 20.06 8.09 -6.21
CA ILE B 66 19.89 6.65 -5.95
C ILE B 66 18.73 6.00 -6.70
N ARG B 67 17.54 6.54 -6.50
CA ARG B 67 16.35 5.93 -7.08
C ARG B 67 15.42 6.99 -7.62
N PRO B 68 15.81 7.63 -8.71
CA PRO B 68 14.94 8.63 -9.34
C PRO B 68 13.63 7.98 -9.82
N GLY B 69 12.49 8.50 -9.36
CA GLY B 69 11.21 7.91 -9.70
C GLY B 69 10.72 8.29 -11.09
N SER B 70 9.53 7.81 -11.43
CA SER B 70 8.90 8.18 -12.69
C SER B 70 8.33 9.58 -12.53
N ARG B 71 7.98 9.90 -11.29
CA ARG B 71 7.35 11.15 -10.90
C ARG B 71 8.27 11.84 -9.92
N SER B 72 8.32 13.16 -9.95
CA SER B 72 9.08 13.85 -8.92
C SER B 72 8.35 13.81 -7.59
N ARG B 73 9.12 13.85 -6.51
CA ARG B 73 8.58 13.99 -5.17
C ARG B 73 9.19 15.24 -4.57
N ASN B 74 8.36 16.03 -3.90
CA ASN B 74 8.80 17.30 -3.31
C ASN B 74 9.47 17.04 -1.96
N CYS B 75 10.80 17.04 -1.95
CA CYS B 75 11.53 16.75 -0.73
C CYS B 75 11.27 17.80 0.34
N GLN B 76 11.04 19.05 -0.04
CA GLN B 76 10.72 20.05 0.99
C GLN B 76 9.42 19.66 1.71
N ALA B 77 8.43 19.22 0.94
CA ALA B 77 7.16 18.84 1.51
C ALA B 77 7.28 17.56 2.35
N ILE B 78 8.15 16.64 1.93
CA ILE B 78 8.32 15.40 2.65
C ILE B 78 8.97 15.67 4.00
N ARG B 79 10.03 16.47 4.01
CA ARG B 79 10.64 16.91 5.26
C ARG B 79 9.66 17.64 6.16
N GLN B 80 8.83 18.51 5.58
CA GLN B 80 7.84 19.24 6.38
C GLN B 80 6.86 18.29 7.07
N ALA B 81 6.35 17.32 6.33
CA ALA B 81 5.45 16.28 6.86
C ALA B 81 6.07 15.40 7.94
N PHE B 82 7.35 15.07 7.78
CA PHE B 82 8.10 14.28 8.74
C PHE B 82 8.18 15.04 10.08
N MET B 83 8.64 16.29 10.03
CA MET B 83 8.67 17.16 11.21
C MET B 83 7.31 17.34 11.88
N SER B 84 6.30 17.69 11.09
CA SER B 84 4.99 18.00 11.66
C SER B 84 4.37 16.79 12.35
N ALA B 85 4.80 15.59 11.95
CA ALA B 85 4.28 14.36 12.53
C ALA B 85 4.51 14.28 14.04
N PHE B 86 5.66 14.78 14.50
CA PHE B 86 6.06 14.58 15.90
C PHE B 86 6.39 15.86 16.68
N ILE B 87 6.77 16.91 15.96
CA ILE B 87 7.24 18.15 16.60
C ILE B 87 6.17 18.80 17.50
N SER B 88 6.59 19.29 18.67
CA SER B 88 5.68 19.98 19.59
C SER B 88 4.58 19.08 20.16
N LYS B 89 4.81 17.78 20.13
CA LYS B 89 3.87 16.81 20.65
C LYS B 89 4.50 15.99 21.77
N ASP B 90 3.65 15.35 22.58
CA ASP B 90 4.08 14.42 23.61
C ASP B 90 4.80 13.20 23.01
N PRO B 91 6.11 13.08 23.27
CA PRO B 91 6.91 12.00 22.69
C PRO B 91 6.49 10.60 23.11
N CYS B 92 5.52 10.47 24.01
CA CYS B 92 5.04 9.16 24.41
C CYS B 92 3.59 8.91 24.00
N LYS B 93 3.02 9.77 23.16
CA LYS B 93 1.64 9.61 22.71
C LYS B 93 1.56 9.50 21.18
N ALA B 94 2.65 9.02 20.60
CA ALA B 94 2.77 8.79 19.17
C ALA B 94 1.74 7.77 18.73
N THR B 95 1.07 8.02 17.61
CA THR B 95 0.11 7.06 17.06
C THR B 95 0.38 6.89 15.58
N LYS B 96 -0.02 5.76 15.03
CA LYS B 96 0.17 5.48 13.61
C LYS B 96 -0.37 6.63 12.75
N GLU B 97 -1.57 7.11 13.08
CA GLU B 97 -2.20 8.19 12.34
C GLU B 97 -1.28 9.43 12.19
N ASP B 98 -0.38 9.66 13.15
CA ASP B 98 0.47 10.87 13.07
C ASP B 98 1.37 10.86 11.84
N TYR B 99 1.63 9.66 11.33
CA TYR B 99 2.47 9.53 10.16
C TYR B 99 1.69 9.36 8.84
N ASN B 100 0.37 9.46 8.90
CA ASN B 100 -0.46 9.34 7.70
C ASN B 100 0.01 10.19 6.50
N SER B 101 0.28 11.48 6.72
CA SER B 101 0.67 12.36 5.63
C SER B 101 2.03 11.95 5.08
N LEU B 102 2.95 11.61 5.97
CA LEU B 102 4.28 11.21 5.55
C LEU B 102 4.26 9.97 4.70
N ILE B 103 3.53 8.92 5.12
CA ILE B 103 3.61 7.68 4.35
C ILE B 103 2.89 7.89 3.02
N ASN B 104 1.91 8.77 3.02
CA ASN B 104 1.14 8.96 1.82
C ASN B 104 2.01 9.65 0.75
N LEU B 105 2.93 10.54 1.18
CA LEU B 105 3.86 11.20 0.29
C LEU B 105 4.91 10.26 -0.32
N ALA B 106 5.20 9.14 0.34
CA ALA B 106 6.27 8.27 -0.13
C ALA B 106 6.12 6.84 0.36
N PRO B 107 5.15 6.10 -0.18
CA PRO B 107 4.86 4.73 0.26
C PRO B 107 6.07 3.84 0.03
N PRO B 108 6.46 3.03 1.03
CA PRO B 108 7.65 2.19 0.85
C PRO B 108 7.31 0.98 0.01
N THR B 109 6.93 1.17 -1.24
CA THR B 109 6.59 0.01 -2.04
C THR B 109 7.70 -0.32 -3.01
N VAL B 110 7.91 -1.61 -3.25
CA VAL B 110 8.92 -2.08 -4.17
C VAL B 110 8.39 -3.17 -5.10
N PRO B 111 9.07 -3.39 -6.24
CA PRO B 111 8.62 -4.40 -7.21
C PRO B 111 8.51 -5.79 -6.60
N CYS B 112 7.71 -6.67 -7.21
CA CYS B 112 7.62 -8.05 -6.74
C CYS B 112 8.96 -8.77 -6.81
N GLY B 113 9.22 -9.57 -5.77
CA GLY B 113 10.36 -10.46 -5.75
C GLY B 113 11.67 -9.78 -5.43
N GLN B 114 11.62 -8.59 -4.84
CA GLN B 114 12.84 -7.84 -4.62
C GLN B 114 13.06 -7.43 -3.17
N GLN B 115 12.15 -7.84 -2.29
CA GLN B 115 12.23 -7.39 -0.91
C GLN B 115 13.08 -8.30 -0.04
N VAL B 116 13.88 -7.71 0.82
CA VAL B 116 14.74 -8.46 1.74
C VAL B 116 14.43 -8.01 3.15
N PHE B 117 13.96 -8.92 3.98
CA PHE B 117 13.72 -8.63 5.38
C PHE B 117 14.92 -9.08 6.17
N TRP B 118 15.03 -8.61 7.40
CA TRP B 118 16.13 -8.99 8.26
C TRP B 118 15.77 -8.85 9.73
N SER B 119 16.56 -9.47 10.58
CA SER B 119 16.45 -9.28 12.01
C SER B 119 17.80 -9.62 12.64
N LYS B 120 18.36 -8.67 13.38
CA LYS B 120 19.68 -8.82 13.99
C LYS B 120 20.79 -8.97 12.96
N THR B 121 20.45 -8.76 11.69
CA THR B 121 21.38 -9.00 10.61
C THR B 121 21.47 -7.80 9.67
N LYS B 122 21.08 -6.64 10.17
N LYS B 122 21.08 -6.64 10.17
CA LYS B 122 21.04 -5.43 9.37
CA LYS B 122 21.03 -5.44 9.34
C LYS B 122 22.16 -5.32 8.33
C LYS B 122 22.16 -5.32 8.32
N GLU B 123 23.40 -5.33 8.79
CA GLU B 123 24.55 -5.09 7.92
C GLU B 123 24.73 -6.20 6.88
N LEU B 124 24.64 -7.44 7.34
CA LEU B 124 24.68 -8.57 6.42
C LEU B 124 23.57 -8.49 5.36
N ALA B 125 22.33 -8.32 5.81
CA ALA B 125 21.19 -8.29 4.89
C ALA B 125 21.34 -7.18 3.86
N HIS B 126 21.82 -6.02 4.28
CA HIS B 126 21.98 -4.88 3.37
C HIS B 126 23.08 -5.13 2.35
N GLU B 127 24.15 -5.78 2.77
CA GLU B 127 25.25 -6.10 1.87
C GLU B 127 24.77 -7.11 0.86
N TYR B 128 24.07 -8.12 1.35
CA TYR B 128 23.43 -9.11 0.48
C TYR B 128 22.57 -8.46 -0.60
N ALA B 129 21.63 -7.62 -0.16
CA ALA B 129 20.70 -6.95 -1.07
C ALA B 129 21.45 -6.03 -2.02
N LYS B 130 22.46 -5.37 -1.50
CA LYS B 130 23.27 -4.47 -2.31
C LYS B 130 23.86 -5.26 -3.47
N ARG B 131 24.48 -6.40 -3.18
CA ARG B 131 25.10 -7.20 -4.23
C ARG B 131 24.07 -7.73 -5.23
N ARG B 132 22.95 -8.20 -4.72
CA ARG B 132 21.95 -8.85 -5.57
C ARG B 132 20.94 -7.87 -6.19
N ARG B 133 21.24 -6.58 -6.12
CA ARG B 133 20.30 -5.56 -6.61
C ARG B 133 18.88 -5.78 -6.07
N LEU B 134 18.76 -6.04 -4.78
CA LEU B 134 17.47 -6.18 -4.13
C LEU B 134 17.28 -5.00 -3.18
N MET B 135 16.22 -5.02 -2.40
CA MET B 135 15.91 -3.87 -1.54
C MET B 135 15.48 -4.26 -0.14
N THR B 136 16.11 -3.65 0.86
CA THR B 136 15.67 -3.77 2.24
C THR B 136 14.81 -2.54 2.54
N LEU B 137 14.12 -2.53 3.68
CA LEU B 137 13.35 -1.36 4.11
C LEU B 137 14.19 -0.06 3.98
N GLU B 138 15.47 -0.16 4.30
CA GLU B 138 16.36 0.99 4.24
C GLU B 138 16.70 1.43 2.82
N ASP B 139 16.29 0.67 1.80
CA ASP B 139 16.43 1.13 0.43
C ASP B 139 15.18 1.83 -0.13
N THR B 140 14.12 1.92 0.68
CA THR B 140 12.96 2.73 0.32
C THR B 140 13.29 4.17 0.69
N LEU B 141 12.53 5.12 0.14
CA LEU B 141 12.80 6.55 0.37
C LEU B 141 12.78 6.85 1.88
N LEU B 142 11.68 6.48 2.53
CA LEU B 142 11.51 6.86 3.93
C LEU B 142 12.47 6.09 4.83
N GLY B 143 12.69 4.81 4.52
CA GLY B 143 13.63 3.99 5.27
C GLY B 143 15.01 4.57 5.11
N TYR B 144 15.31 5.00 3.89
CA TYR B 144 16.59 5.66 3.61
C TYR B 144 16.73 6.96 4.42
N LEU B 145 15.68 7.79 4.44
CA LEU B 145 15.75 9.00 5.22
C LEU B 145 16.07 8.74 6.69
N ALA B 146 15.38 7.76 7.28
CA ALA B 146 15.34 7.63 8.74
C ALA B 146 16.43 6.73 9.31
N ASP B 147 17.16 6.07 8.43
CA ASP B 147 18.11 5.05 8.83
C ASP B 147 19.11 5.60 9.85
N GLY B 148 19.18 4.92 11.00
CA GLY B 148 20.18 5.22 12.01
C GLY B 148 19.97 6.52 12.74
N LEU B 149 18.86 7.20 12.49
CA LEU B 149 18.65 8.49 13.14
C LEU B 149 17.71 8.34 14.36
N ARG B 150 17.62 9.37 15.18
CA ARG B 150 16.69 9.40 16.32
C ARG B 150 16.03 10.74 16.27
N TRP B 151 14.79 10.83 16.73
CA TRP B 151 14.11 12.11 16.85
C TRP B 151 13.01 12.06 17.88
N CYS B 152 12.79 13.18 18.56
CA CYS B 152 11.58 13.38 19.35
C CYS B 152 11.38 14.85 19.64
N GLY B 153 10.16 15.21 20.03
CA GLY B 153 9.81 16.58 20.33
C GLY B 153 9.40 16.77 21.78
N GLU B 154 8.81 17.93 22.06
CA GLU B 154 8.45 18.32 23.41
C GLU B 154 7.22 19.23 23.34
N PRO B 155 6.16 18.88 24.07
CA PRO B 155 4.96 19.71 24.02
C PRO B 155 5.29 21.19 24.22
N GLY B 156 4.76 22.05 23.36
CA GLY B 156 5.13 23.45 23.37
C GLY B 156 6.34 23.78 22.51
N SER B 157 7.47 23.14 22.79
CA SER B 157 8.71 23.43 22.07
C SER B 157 8.55 23.21 20.55
N SER B 158 9.22 24.05 19.77
CA SER B 158 9.11 23.99 18.32
C SER B 158 10.32 23.30 17.68
N ASP B 159 11.20 22.75 18.49
CA ASP B 159 12.38 22.08 17.95
C ASP B 159 12.60 20.69 18.57
N LEU B 160 13.57 19.97 18.01
CA LEU B 160 13.85 18.62 18.49
C LEU B 160 14.36 18.63 19.91
N ASN B 161 14.14 17.52 20.60
CA ASN B 161 14.77 17.34 21.90
C ASN B 161 16.10 16.64 21.72
N ILE B 162 17.18 17.41 21.76
CA ILE B 162 18.51 16.86 21.60
C ILE B 162 19.01 16.23 22.89
N TRP B 163 18.38 16.61 24.01
CA TRP B 163 18.78 16.13 25.33
C TRP B 163 18.42 14.70 25.60
N SER B 164 17.18 14.33 25.29
CA SER B 164 16.73 12.96 25.52
C SER B 164 15.49 12.61 24.69
N CYS B 165 15.33 11.33 24.39
CA CYS B 165 14.08 10.82 23.81
C CYS B 165 13.68 9.49 24.44
N PRO B 166 12.37 9.27 24.56
CA PRO B 166 11.78 8.01 25.03
C PRO B 166 12.48 6.75 24.53
N ASP B 167 12.82 5.86 25.45
CA ASP B 167 13.29 4.52 25.09
C ASP B 167 12.07 3.61 25.05
N TRP B 168 12.04 2.67 24.13
CA TRP B 168 10.81 1.92 23.90
C TRP B 168 10.59 0.87 24.98
N ARG B 169 11.66 0.52 25.69
CA ARG B 169 11.58 -0.44 26.79
C ARG B 169 11.32 0.24 28.12
N LYS B 170 12.14 1.24 28.45
CA LYS B 170 12.08 1.87 29.76
C LYS B 170 11.10 3.05 29.83
N ASP B 171 10.86 3.71 28.70
CA ASP B 171 9.98 4.88 28.69
C ASP B 171 8.58 4.60 28.19
N CYS B 172 8.44 4.29 26.90
CA CYS B 172 7.13 4.00 26.32
C CYS B 172 7.30 3.38 24.94
N ARG B 173 6.39 2.48 24.61
CA ARG B 173 6.41 1.80 23.32
C ARG B 173 5.80 2.69 22.25
N THR B 174 4.95 3.63 22.67
CA THR B 174 4.26 4.52 21.75
C THR B 174 5.03 5.85 21.57
N ASN B 175 6.29 5.72 21.20
CA ASN B 175 7.12 6.86 20.84
C ASN B 175 7.26 6.99 19.31
N TYR B 176 7.63 8.19 18.87
CA TYR B 176 7.65 8.50 17.43
C TYR B 176 8.63 7.66 16.62
N LEU B 177 9.69 7.18 17.26
CA LEU B 177 10.69 6.35 16.60
C LEU B 177 10.21 4.93 16.37
N SER B 178 9.66 4.31 17.41
CA SER B 178 9.16 2.97 17.25
C SER B 178 7.93 2.99 16.33
N VAL B 179 7.03 3.94 16.55
CA VAL B 179 5.83 4.00 15.72
C VAL B 179 6.20 4.17 14.24
N PHE B 180 7.11 5.10 13.93
CA PHE B 180 7.52 5.29 12.53
C PHE B 180 7.96 3.97 11.92
N TRP B 181 8.82 3.25 12.62
CA TRP B 181 9.34 2.02 12.04
C TRP B 181 8.30 0.93 11.90
N GLU B 182 7.34 0.90 12.81
CA GLU B 182 6.30 -0.10 12.75
C GLU B 182 5.36 0.21 11.61
N VAL B 183 5.05 1.51 11.44
CA VAL B 183 4.18 1.93 10.37
C VAL B 183 4.83 1.64 9.02
N LEU B 184 6.07 2.06 8.86
CA LEU B 184 6.81 1.75 7.64
C LEU B 184 6.91 0.25 7.38
N SER B 185 7.26 -0.50 8.42
CA SER B 185 7.52 -1.93 8.25
C SER B 185 6.23 -2.67 7.89
N GLU B 186 5.11 -2.17 8.38
CA GLU B 186 3.82 -2.77 8.08
C GLU B 186 3.48 -2.70 6.58
N ARG B 187 3.64 -1.52 5.98
CA ARG B 187 3.27 -1.35 4.58
C ARG B 187 4.27 -2.06 3.69
N PHE B 188 5.53 -2.09 4.14
CA PHE B 188 6.58 -2.79 3.42
C PHE B 188 6.24 -4.28 3.36
N ALA B 189 5.81 -4.85 4.49
CA ALA B 189 5.41 -6.27 4.49
C ALA B 189 4.15 -6.48 3.64
N GLU B 190 3.17 -5.61 3.80
CA GLU B 190 1.91 -5.77 3.08
C GLU B 190 2.12 -5.73 1.58
N SER B 191 3.16 -5.04 1.13
CA SER B 191 3.31 -4.83 -0.31
C SER B 191 4.20 -5.88 -0.99
N ALA B 192 4.74 -6.81 -0.20
CA ALA B 192 5.56 -7.86 -0.76
C ALA B 192 4.71 -8.73 -1.70
N CYS B 193 5.33 -9.26 -2.74
CA CYS B 193 4.67 -10.23 -3.61
C CYS B 193 5.71 -11.14 -4.26
N ASN B 194 5.27 -12.27 -4.80
CA ASN B 194 6.19 -13.27 -5.35
C ASN B 194 7.19 -13.69 -4.26
N THR B 195 8.44 -13.97 -4.64
CA THR B 195 9.42 -14.45 -3.65
C THR B 195 9.99 -13.32 -2.80
N VAL B 196 9.85 -13.44 -1.47
CA VAL B 196 10.51 -12.53 -0.54
C VAL B 196 11.62 -13.26 0.22
N ARG B 197 12.55 -12.52 0.82
CA ARG B 197 13.58 -13.16 1.64
C ARG B 197 13.72 -12.52 3.01
N VAL B 198 14.04 -13.34 4.02
CA VAL B 198 14.52 -12.82 5.28
C VAL B 198 15.90 -13.38 5.66
N VAL B 199 16.78 -12.53 6.18
CA VAL B 199 18.12 -12.95 6.59
C VAL B 199 18.18 -12.92 8.10
N LEU B 200 18.52 -14.07 8.70
CA LEU B 200 18.53 -14.21 10.16
C LEU B 200 19.88 -14.63 10.76
N ASN B 201 20.04 -14.33 12.06
CA ASN B 201 21.24 -14.67 12.82
C ASN B 201 21.04 -16.05 13.45
N GLY B 202 21.75 -17.04 12.92
CA GLY B 202 21.60 -18.41 13.35
C GLY B 202 22.48 -18.74 14.54
N SER B 203 23.12 -17.71 15.07
CA SER B 203 23.93 -17.84 16.28
C SER B 203 23.16 -17.43 17.54
N LEU B 204 21.92 -17.88 17.66
CA LEU B 204 21.12 -17.69 18.88
C LEU B 204 20.00 -18.72 18.99
N GLU B 205 19.65 -19.07 20.22
CA GLU B 205 18.62 -20.08 20.44
C GLU B 205 17.40 -19.81 19.56
N ASN B 206 17.04 -18.55 19.40
CA ASN B 206 15.88 -18.20 18.59
C ASN B 206 16.22 -17.20 17.47
N ALA B 207 16.75 -17.72 16.37
CA ALA B 207 17.04 -16.89 15.20
C ALA B 207 15.81 -16.09 14.79
N PHE B 208 14.62 -16.66 15.04
CA PHE B 208 13.38 -15.92 14.87
C PHE B 208 12.86 -15.46 16.22
N ASP B 209 12.93 -14.15 16.45
CA ASP B 209 12.41 -13.54 17.67
C ASP B 209 10.98 -13.04 17.44
N SER B 210 10.04 -13.60 18.19
CA SER B 210 8.64 -13.21 18.05
C SER B 210 8.39 -11.84 18.64
N MET B 211 9.41 -11.29 19.30
CA MET B 211 9.36 -9.97 19.95
C MET B 211 9.78 -8.86 19.00
N SER B 212 10.55 -9.22 17.98
CA SER B 212 11.11 -8.23 17.05
C SER B 212 10.08 -7.71 16.06
N ILE B 213 10.34 -6.53 15.54
CA ILE B 213 9.49 -5.93 14.51
C ILE B 213 9.22 -6.93 13.39
N PHE B 214 10.25 -7.67 12.97
CA PHE B 214 10.01 -8.70 11.97
C PHE B 214 8.97 -9.69 12.46
N GLY B 215 9.17 -10.22 13.68
CA GLY B 215 8.27 -11.21 14.23
C GLY B 215 6.83 -10.76 14.37
N ARG B 216 6.63 -9.55 14.87
CA ARG B 216 5.30 -9.08 15.26
C ARG B 216 4.57 -8.26 14.20
N VAL B 217 5.32 -7.58 13.33
CA VAL B 217 4.72 -6.63 12.42
C VAL B 217 4.82 -7.11 10.97
N GLU B 218 5.98 -7.65 10.60
CA GLU B 218 6.23 -7.94 9.20
C GLU B 218 5.80 -9.34 8.77
N ALA B 219 6.37 -10.37 9.38
CA ALA B 219 5.98 -11.74 9.04
C ALA B 219 4.46 -11.87 9.03
N PRO B 220 3.78 -11.46 10.12
CA PRO B 220 2.33 -11.57 10.19
C PRO B 220 1.59 -10.77 9.14
N ASN B 221 2.29 -9.88 8.42
CA ASN B 221 1.63 -9.05 7.42
C ASN B 221 1.92 -9.41 5.97
N LEU B 222 2.75 -10.43 5.78
CA LEU B 222 2.96 -11.00 4.46
C LEU B 222 1.65 -11.47 3.88
N ARG B 223 1.52 -11.36 2.57
CA ARG B 223 0.29 -11.71 1.87
CA ARG B 223 0.29 -11.71 1.86
C ARG B 223 0.26 -13.19 1.48
N PRO B 224 -0.94 -13.78 1.52
CA PRO B 224 -1.03 -15.18 1.07
C PRO B 224 -0.48 -15.29 -0.36
N GLN B 225 0.20 -16.40 -0.65
CA GLN B 225 0.71 -16.70 -1.98
C GLN B 225 2.09 -16.08 -2.23
N VAL B 226 2.52 -15.25 -1.27
CA VAL B 226 3.91 -14.82 -1.22
C VAL B 226 4.77 -16.02 -0.83
N GLU B 227 5.93 -16.17 -1.47
CA GLU B 227 6.85 -17.25 -1.12
C GLU B 227 8.02 -16.70 -0.30
N LEU B 228 8.07 -17.05 0.99
CA LEU B 228 9.18 -16.60 1.83
C LEU B 228 10.35 -17.57 1.78
N GLU B 229 11.55 -17.01 1.87
CA GLU B 229 12.74 -17.83 1.96
C GLU B 229 13.61 -17.31 3.08
N ALA B 230 13.97 -18.23 3.98
CA ALA B 230 14.82 -17.88 5.11
C ALA B 230 16.25 -18.41 4.89
N TRP B 231 17.22 -17.58 5.26
CA TRP B 231 18.63 -17.91 5.16
C TRP B 231 19.30 -17.64 6.50
N LEU B 232 19.61 -18.71 7.23
CA LEU B 232 20.26 -18.59 8.53
C LEU B 232 21.78 -18.62 8.36
N VAL B 233 22.38 -17.43 8.48
CA VAL B 233 23.79 -17.22 8.23
C VAL B 233 24.56 -17.07 9.54
N HIS B 234 25.07 -18.19 10.07
CA HIS B 234 25.85 -18.17 11.29
C HIS B 234 27.15 -17.39 11.07
N ASP B 235 27.83 -17.07 12.16
CA ASP B 235 29.10 -16.35 12.03
C ASP B 235 30.23 -17.28 11.61
N THR B 236 31.23 -16.71 10.97
CA THR B 236 32.33 -17.50 10.46
C THR B 236 33.44 -17.60 11.50
N GLY B 237 33.96 -18.80 11.72
CA GLY B 237 33.43 -20.01 11.10
C GLY B 237 32.93 -20.90 12.21
N LYS B 238 32.79 -20.30 13.39
CA LYS B 238 32.28 -20.98 14.58
C LYS B 238 30.87 -21.52 14.35
N PRO B 239 30.48 -22.52 15.16
CA PRO B 239 29.22 -23.24 14.93
C PRO B 239 27.99 -22.35 15.11
N PRO B 240 26.91 -22.65 14.38
CA PRO B 240 25.59 -22.02 14.58
C PRO B 240 24.97 -22.38 15.94
N SER B 241 23.69 -22.10 16.12
CA SER B 241 23.03 -22.27 17.42
C SER B 241 21.53 -22.49 17.26
N ASP B 242 21.02 -22.25 16.06
CA ASP B 242 19.63 -22.57 15.75
C ASP B 242 19.55 -22.92 14.28
N SER B 243 18.47 -23.60 13.88
CA SER B 243 18.30 -23.92 12.47
C SER B 243 16.83 -24.11 12.13
N CYS B 244 16.59 -24.56 10.90
CA CYS B 244 15.24 -24.76 10.38
C CYS B 244 14.40 -25.79 11.14
N SER B 245 14.92 -26.20 12.30
CA SER B 245 14.24 -27.17 13.15
C SER B 245 13.92 -26.58 14.52
N GLY B 246 14.60 -25.49 14.86
CA GLY B 246 14.47 -24.88 16.17
C GLY B 246 13.05 -24.54 16.57
N SER B 247 12.87 -24.16 17.83
CA SER B 247 11.55 -23.76 18.31
C SER B 247 11.07 -22.55 17.51
N SER B 248 11.97 -21.57 17.35
CA SER B 248 11.66 -20.31 16.68
C SER B 248 11.08 -20.51 15.29
N ILE B 249 11.87 -21.09 14.38
CA ILE B 249 11.46 -21.29 12.99
C ILE B 249 10.07 -21.89 12.91
N ARG B 250 9.84 -22.93 13.69
CA ARG B 250 8.54 -23.61 13.66
C ARG B 250 7.40 -22.66 14.01
N LYS B 251 7.64 -21.72 14.93
CA LYS B 251 6.69 -20.63 15.16
C LYS B 251 6.45 -19.91 13.83
N LEU B 252 7.55 -19.57 13.16
CA LEU B 252 7.47 -18.78 11.94
C LEU B 252 6.71 -19.50 10.83
N LYS B 253 7.00 -20.79 10.64
CA LYS B 253 6.25 -21.59 9.70
C LYS B 253 4.77 -21.62 10.11
N SER B 254 4.52 -21.69 11.40
CA SER B 254 3.15 -21.72 11.88
C SER B 254 2.46 -20.41 11.54
N ILE B 255 3.04 -19.28 12.00
CA ILE B 255 2.54 -17.95 11.67
C ILE B 255 2.20 -17.88 10.19
N LEU B 256 3.23 -18.12 9.40
CA LEU B 256 3.13 -18.18 7.95
C LEU B 256 2.04 -19.15 7.43
N ASP B 257 1.90 -20.30 8.10
CA ASP B 257 0.86 -21.28 7.73
C ASP B 257 -0.56 -20.75 7.97
N GLY B 258 -0.73 -19.98 9.03
CA GLY B 258 -2.01 -19.33 9.26
C GLY B 258 -2.17 -18.17 8.29
N ARG B 259 -1.34 -18.14 7.26
CA ARG B 259 -1.32 -17.01 6.33
C ARG B 259 -1.43 -17.39 4.85
N ASN B 260 -1.05 -18.63 4.51
CA ASN B 260 -1.17 -19.08 3.13
C ASN B 260 0.03 -18.66 2.30
N VAL B 261 1.14 -18.38 2.99
CA VAL B 261 2.39 -18.04 2.34
C VAL B 261 3.29 -19.28 2.32
N LYS B 262 4.00 -19.48 1.22
CA LYS B 262 4.90 -20.62 1.05
C LYS B 262 6.25 -20.37 1.73
N PHE B 263 6.57 -21.18 2.72
CA PHE B 263 7.82 -21.03 3.45
C PHE B 263 8.92 -21.87 2.86
N ARG B 264 10.16 -21.50 3.15
CA ARG B 264 11.31 -22.26 2.70
C ARG B 264 12.53 -21.83 3.46
N CYS B 265 13.05 -22.72 4.29
CA CYS B 265 14.14 -22.40 5.18
C CYS B 265 15.44 -23.05 4.75
N MET B 266 16.51 -22.27 4.74
CA MET B 266 17.82 -22.81 4.41
C MET B 266 18.74 -22.75 5.63
N ASP B 267 19.61 -23.75 5.76
CA ASP B 267 20.40 -23.95 6.97
C ASP B 267 21.88 -23.60 6.82
N ASN B 268 22.61 -23.86 7.90
CA ASN B 268 24.07 -23.73 7.96
C ASN B 268 24.72 -22.94 6.84
N LEU B 269 24.95 -21.66 7.08
CA LEU B 269 25.71 -20.82 6.15
C LEU B 269 26.66 -19.92 6.92
N SER B 270 27.41 -19.08 6.20
CA SER B 270 28.36 -18.18 6.83
C SER B 270 28.56 -16.93 5.99
N ARG B 271 28.69 -15.80 6.65
CA ARG B 271 28.80 -14.51 5.96
C ARG B 271 29.64 -14.58 4.69
N ASP B 272 30.75 -15.31 4.75
CA ASP B 272 31.68 -15.39 3.62
C ASP B 272 31.14 -16.17 2.41
N GLN B 273 30.29 -17.17 2.68
CA GLN B 273 29.72 -17.99 1.61
C GLN B 273 28.34 -17.51 1.20
N PHE B 274 27.75 -16.69 2.07
CA PHE B 274 26.43 -16.13 1.82
C PHE B 274 26.61 -14.98 0.84
N LEU B 275 27.70 -14.23 1.00
CA LEU B 275 27.95 -13.06 0.16
C LEU B 275 28.67 -13.43 -1.13
C1 NAG C . -19.29 3.55 -24.13
C2 NAG C . -19.80 2.37 -23.31
C3 NAG C . -21.31 2.55 -23.20
C4 NAG C . -21.68 3.98 -22.73
C5 NAG C . -20.78 5.04 -23.40
C6 NAG C . -20.93 6.46 -22.86
C7 NAG C . -18.67 0.19 -23.36
C8 NAG C . -18.18 -0.92 -24.25
N2 NAG C . -19.35 1.16 -23.97
O3 NAG C . -21.83 1.60 -22.29
O4 NAG C . -23.03 4.28 -23.02
O5 NAG C . -19.43 4.64 -23.29
O6 NAG C . -20.41 6.53 -21.56
O7 NAG C . -18.46 0.14 -22.15
S SO4 D . 7.76 6.24 -8.22
O1 SO4 D . 8.53 6.16 -6.98
O2 SO4 D . 6.50 5.51 -8.03
O3 SO4 D . 7.46 7.64 -8.58
O4 SO4 D . 8.54 5.64 -9.30
N1 AVU E . -18.75 2.61 -7.06
C2 AVU E . -19.22 3.85 -7.27
N3 AVU E . -18.39 4.76 -7.83
C4 AVU E . -17.13 4.46 -8.20
C5 AVU E . -16.64 3.19 -8.01
C6 AVU E . -17.48 2.26 -7.43
N6 AVU E . -17.02 0.92 -7.20
N7 AVU E . -15.35 3.18 -8.48
C8 AVU E . -15.07 4.43 -8.92
N9 AVU E . -16.17 5.21 -8.76
PA AVU E . -14.90 6.65 -14.98
PB AVU E . -12.43 6.04 -13.77
C1' AVU E . -16.40 6.61 -9.11
O1A AVU E . -14.49 7.83 -15.82
O1B AVU E . -12.53 7.46 -13.24
C1R AVU E . -10.58 2.93 -10.03
C2' AVU E . -15.20 7.49 -9.09
O2' AVU E . -15.44 8.63 -8.31
O2A AVU E . -15.92 5.76 -15.65
O2B AVU E . -11.14 5.74 -14.48
C2R AVU E . -10.84 1.55 -10.52
F2R AVU E . -12.03 1.19 -10.02
C3' AVU E . -14.94 7.82 -10.47
O3' AVU E . -14.57 9.15 -10.60
O3A AVU E . -13.65 5.73 -14.73
C3R AVU E . -11.02 1.66 -11.94
O3R AVU E . -10.01 0.94 -12.61
C4' AVU E . -16.20 7.45 -11.27
O4' AVU E . -17.06 6.78 -10.40
C4R AVU E . -10.96 3.11 -12.28
O4R AVU E . -10.37 3.74 -11.14
C5' AVU E . -15.93 6.64 -12.55
O5' AVU E . -15.38 7.33 -13.62
C5R AVU E . -12.29 3.67 -12.64
O5R AVU E . -12.54 5.03 -12.50
C1 NAG F . 25.81 -11.61 15.01
C2 NAG F . 26.23 -10.72 13.85
C3 NAG F . 27.48 -9.94 14.24
C4 NAG F . 27.26 -9.19 15.55
C5 NAG F . 26.68 -10.12 16.63
C6 NAG F . 26.27 -9.35 17.87
C7 NAG F . 25.46 -11.90 11.88
C8 NAG F . 25.78 -12.98 10.87
N2 NAG F . 26.47 -11.51 12.66
O3 NAG F . 27.83 -9.04 13.21
O4 NAG F . 28.46 -8.60 16.00
O5 NAG F . 25.54 -10.81 16.15
O6 NAG F . 24.85 -9.33 17.96
O7 NAG F . 24.33 -11.42 11.93
S SO4 G . 10.65 28.79 1.93
O1 SO4 G . 11.79 29.26 1.15
O2 SO4 G . 11.16 28.23 3.19
O3 SO4 G . 9.74 29.91 2.20
O4 SO4 G . 9.91 27.78 1.17
N1 AVU H . 17.34 2.18 11.47
C2 AVU H . 17.44 2.18 12.82
N3 AVU H . 16.73 1.28 13.55
C4 AVU H . 15.90 0.37 12.99
C5 AVU H . 15.76 0.36 11.60
C6 AVU H . 16.52 1.28 10.86
N6 AVU H . 16.43 1.31 9.43
N7 AVU H . 14.87 -0.63 11.30
C8 AVU H . 14.47 -1.20 12.45
N9 AVU H . 15.08 -0.59 13.50
PA AVU H . 16.13 -6.41 15.15
PB AVU H . 13.73 -6.22 13.80
C1' AVU H . 14.95 -0.91 14.93
O1A AVU H . 15.39 -7.56 15.78
O1B AVU H . 12.90 -5.86 15.03
C1R AVU H . 11.92 -3.71 9.59
C2' AVU H . 13.78 -1.76 15.31
O2' AVU H . 12.89 -1.09 16.15
O2A AVU H . 17.50 -6.77 14.60
O2B AVU H . 13.41 -7.63 13.33
C2R AVU H . 12.60 -4.39 8.46
F2R AVU H . 13.50 -3.53 7.98
C3' AVU H . 14.27 -2.93 16.00
O3' AVU H . 13.62 -3.09 17.21
O3A AVU H . 15.26 -5.92 13.98
C3R AVU H . 13.26 -5.55 8.99
O3R AVU H . 12.81 -6.75 8.40
C4' AVU H . 15.78 -2.72 16.17
O4' AVU H . 16.14 -1.59 15.43
C4R AVU H . 12.88 -5.60 10.42
O4R AVU H . 11.91 -4.60 10.66
C5' AVU H . 16.63 -3.94 15.80
O5' AVU H . 16.21 -5.21 16.21
C5R AVU H . 13.99 -5.38 11.38
O5R AVU H . 13.51 -5.10 12.65
#